data_4LZ4
#
_entry.id   4LZ4
#
_cell.length_a   61.736
_cell.length_b   120.725
_cell.length_c   67.233
_cell.angle_alpha   90.00
_cell.angle_beta   94.22
_cell.angle_gamma   90.00
#
_symmetry.space_group_name_H-M   'P 1 21 1'
#
loop_
_entity.id
_entity.type
_entity.pdbx_description
1 polymer 'Thrombin light chain'
2 polymer 'Thrombin heavy chain'
3 polymer 'Thrombin Binding Aptamer (TBA)'
4 non-polymer 2-acetamido-2-deoxy-beta-D-glucopyranose
5 non-polymer D-phenylalanyl-N-[(2S,3S)-6-{[amino(iminio)methyl]amino}-1-chloro-2-hydroxyhexan-3-yl]-L-prolinamide
6 non-polymer 'SODIUM ION'
7 non-polymer 'POTASSIUM ION'
8 water water
#
loop_
_entity_poly.entity_id
_entity_poly.type
_entity_poly.pdbx_seq_one_letter_code
_entity_poly.pdbx_strand_id
1 'polypeptide(L)' TFGSGEADCGLRPLFEKKSLEDKTERELLESYIDGR A,C
2 'polypeptide(L)'
;IVEGSDAEIGMSPWQVMLFRKSPQELLCGASLISDRWVLTAAHCLLYPPWDKNFTENDLLVRIGKHSRTRYERNIEKISM
LEKIYIHPRYNWRENLDRDIALMKLKKPVAFSDYIHPVCLPDRETAASLLQAGYKGRVTGWGNLKETWTANVGKGQPSVL
QVVNLPIVERPVCKDSTRIRITDNMFCAGYKPDEGKRGDACEGDSGGPFVMKSPFNNRWYQMGIVSWGEGCDRDGKYGFY
THVFRLKKWIQKVIDQFGE
;
B,D
3 'polydeoxyribonucleotide' (DG)(DG)(3DR)(DT)(DG)(DG)(DT)(DG)(DT)(DG)(DG)(DT)(DT)(DG)(DG) E,F
#
loop_
_chem_comp.id
_chem_comp.type
_chem_comp.name
_chem_comp.formula
0G6 peptide-like D-phenylalanyl-N-[(2S,3S)-6-{[amino(iminio)methyl]amino}-1-chloro-2-hydroxyhexan-3-yl]-L-prolinamide 'C21 H34 Cl N6 O3 1'
3DR DNA linking 1',2'-DIDEOXYRIBOFURANOSE-5'-PHOSPHATE 'C5 H11 O6 P'
DG DNA linking 2'-DEOXYGUANOSINE-5'-MONOPHOSPHATE 'C10 H14 N5 O7 P'
DT DNA linking THYMIDINE-5'-MONOPHOSPHATE 'C10 H15 N2 O8 P'
K non-polymer 'POTASSIUM ION' 'K 1'
NA non-polymer 'SODIUM ION' 'Na 1'
NAG D-saccharide, beta linking 2-acetamido-2-deoxy-beta-D-glucopyranose 'C8 H15 N O6'
#
# COMPACT_ATOMS: atom_id res chain seq x y z
N THR A 1 12.72 24.92 21.25
CA THR A 1 12.28 23.54 21.72
C THR A 1 11.01 23.19 20.91
N PHE A 2 11.04 22.01 20.30
CA PHE A 2 9.90 21.43 19.60
C PHE A 2 8.61 21.70 20.40
N GLY A 3 8.61 21.25 21.65
CA GLY A 3 7.47 21.32 22.53
C GLY A 3 6.61 20.09 22.39
N SER A 4 5.35 20.23 22.78
CA SER A 4 4.37 19.14 22.70
C SER A 4 4.00 18.81 21.25
N GLY A 5 3.63 17.55 21.03
CA GLY A 5 2.84 17.14 19.88
C GLY A 5 3.37 15.99 19.07
N GLU A 6 4.70 15.81 19.13
CA GLU A 6 5.42 14.94 18.22
C GLU A 6 5.06 13.47 18.31
N ALA A 7 5.11 12.91 19.51
CA ALA A 7 4.78 11.50 19.71
C ALA A 7 3.53 11.15 18.89
N ASP A 8 2.56 12.07 18.87
CA ASP A 8 1.30 11.80 18.21
C ASP A 8 1.14 12.45 16.82
N CYS A 9 2.21 13.04 16.29
CA CYS A 9 2.15 13.79 15.03
C CYS A 9 1.64 13.00 13.85
N GLY A 10 1.05 13.71 12.90
CA GLY A 10 0.57 13.07 11.71
C GLY A 10 -0.57 12.08 11.88
N LEU A 11 -1.16 11.97 13.08
CA LEU A 11 -2.38 11.15 13.30
C LEU A 11 -3.58 12.04 13.57
N ARG A 12 -4.54 12.03 12.64
CA ARG A 12 -5.64 12.99 12.68
C ARG A 12 -6.77 12.48 13.59
N PRO A 13 -7.11 13.27 14.62
CA PRO A 13 -8.18 12.93 15.54
C PRO A 13 -9.46 12.38 14.89
N LEU A 14 -9.90 12.94 13.77
CA LEU A 14 -11.16 12.53 13.21
C LEU A 14 -11.03 11.46 12.16
N PHE A 15 -9.81 10.98 11.95
CA PHE A 15 -9.60 9.97 10.92
C PHE A 15 -8.79 8.78 11.44
N GLU A 16 -7.47 8.86 11.46
CA GLU A 16 -6.66 7.75 11.93
C GLU A 16 -7.15 7.36 13.30
N LYS A 17 -7.22 8.33 14.21
CA LYS A 17 -7.56 8.06 15.60
C LYS A 17 -8.94 7.43 15.78
N LYS A 18 -9.80 7.45 14.79
CA LYS A 18 -11.08 6.75 14.88
C LYS A 18 -11.18 5.66 13.82
N SER A 19 -10.03 5.19 13.31
CA SER A 19 -9.98 4.22 12.25
C SER A 19 -10.90 4.55 11.09
N LEU A 20 -10.91 5.83 10.68
CA LEU A 20 -11.64 6.30 9.49
C LEU A 20 -10.68 6.82 8.43
N GLU A 21 -10.97 6.41 7.19
CA GLU A 21 -10.23 6.85 6.04
C GLU A 21 -10.95 8.06 5.44
N ASP A 22 -10.22 9.12 5.09
CA ASP A 22 -10.84 10.20 4.32
C ASP A 22 -11.14 9.68 2.91
N LYS A 23 -11.84 10.49 2.12
CA LYS A 23 -12.39 9.99 0.87
C LYS A 23 -11.36 9.66 -0.18
N THR A 24 -10.13 10.12 -0.03
CA THR A 24 -9.17 9.96 -1.11
C THR A 24 -7.81 9.50 -0.70
N GLU A 25 -7.58 9.30 0.60
CA GLU A 25 -6.26 8.82 1.03
C GLU A 25 -5.83 7.54 0.34
N ARG A 26 -6.80 6.72 0.01
CA ARG A 26 -6.58 5.49 -0.71
C ARG A 26 -5.92 5.70 -2.09
N GLU A 27 -6.27 6.80 -2.77
CA GLU A 27 -5.65 7.13 -4.05
C GLU A 27 -4.14 7.34 -3.87
N LEU A 28 -3.73 7.82 -2.70
CA LEU A 28 -2.32 8.05 -2.46
C LEU A 28 -1.57 6.72 -2.33
N LEU A 29 -2.05 5.91 -1.40
CA LEU A 29 -1.54 4.59 -1.15
C LEU A 29 -1.44 3.78 -2.44
N GLU A 30 -2.44 3.84 -3.30
CA GLU A 30 -2.36 3.07 -4.56
C GLU A 30 -1.31 3.61 -5.50
N SER A 31 -0.94 4.90 -5.34
CA SER A 31 0.15 5.49 -6.14
C SER A 31 1.50 4.97 -5.69
N TYR A 32 1.59 4.43 -4.48
CA TYR A 32 2.88 3.97 -3.93
C TYR A 32 3.27 2.53 -4.30
N ILE A 33 2.44 1.84 -5.08
CA ILE A 33 2.71 0.48 -5.58
C ILE A 33 3.21 0.53 -7.03
N ASP A 34 4.33 -0.12 -7.34
CA ASP A 34 5.12 0.11 -8.62
C ASP A 34 5.64 1.51 -8.77
N ILE B 1 -6.03 26.66 -4.77
CA ILE B 1 -5.94 25.34 -5.41
C ILE B 1 -6.81 25.21 -6.66
N VAL B 2 -6.23 24.77 -7.75
CA VAL B 2 -6.98 24.60 -8.99
C VAL B 2 -7.40 23.13 -9.22
N GLU B 3 -8.69 22.91 -9.50
CA GLU B 3 -9.30 21.58 -9.67
C GLU B 3 -9.12 20.63 -8.51
N GLY B 4 -9.04 21.16 -7.31
CA GLY B 4 -9.14 20.33 -6.14
C GLY B 4 -10.60 20.19 -5.83
N SER B 5 -10.92 19.98 -4.57
CA SER B 5 -12.29 19.98 -4.17
C SER B 5 -12.36 20.39 -2.71
N ASP B 6 -13.54 20.49 -2.13
CA ASP B 6 -13.60 20.86 -0.73
C ASP B 6 -12.88 19.86 0.17
N ALA B 7 -12.17 20.36 1.18
CA ALA B 7 -11.63 19.52 2.20
C ALA B 7 -12.72 19.01 3.12
N GLU B 8 -12.57 17.81 3.66
CA GLU B 8 -13.48 17.33 4.71
C GLU B 8 -13.07 17.96 6.03
N ILE B 9 -13.96 17.89 7.00
CA ILE B 9 -13.65 18.45 8.28
C ILE B 9 -12.50 17.68 8.90
N GLY B 10 -11.53 18.42 9.47
CA GLY B 10 -10.40 17.81 10.17
C GLY B 10 -9.49 16.93 9.33
N MET B 11 -9.56 17.07 8.02
CA MET B 11 -8.74 16.31 7.11
C MET B 11 -7.28 16.77 7.08
N SER B 12 -7.00 18.06 7.30
CA SER B 12 -5.62 18.49 7.60
C SER B 12 -5.57 19.49 8.72
N PRO B 13 -5.58 18.97 9.95
CA PRO B 13 -5.62 19.75 11.14
C PRO B 13 -4.35 20.49 11.41
N TRP B 14 -3.34 20.30 10.55
CA TRP B 14 -2.06 21.04 10.59
C TRP B 14 -2.08 22.22 9.63
N GLN B 15 -3.16 22.39 8.87
CA GLN B 15 -3.23 23.58 7.99
C GLN B 15 -3.26 24.85 8.81
N VAL B 16 -2.46 25.83 8.41
CA VAL B 16 -2.45 27.08 9.10
C VAL B 16 -2.70 28.17 8.07
N MET B 17 -3.44 29.16 8.51
CA MET B 17 -3.69 30.34 7.69
C MET B 17 -2.80 31.49 8.16
N LEU B 18 -2.03 32.08 7.28
CA LEU B 18 -1.18 33.18 7.66
C LEU B 18 -1.89 34.44 7.23
N PHE B 19 -2.14 35.31 8.21
CA PHE B 19 -3.18 36.34 8.08
C PHE B 19 -2.58 37.68 8.44
N ARG B 20 -2.82 38.68 7.61
CA ARG B 20 -2.24 39.99 7.85
C ARG B 20 -3.10 40.77 8.78
N LYS B 21 -2.49 41.44 9.75
CA LYS B 21 -3.29 42.16 10.76
C LYS B 21 -4.11 43.29 10.09
N SER B 22 -3.45 44.15 9.31
CA SER B 22 -4.11 45.33 8.70
C SER B 22 -3.49 45.84 7.42
N PRO B 23 -4.26 45.91 6.32
CA PRO B 23 -5.62 45.39 6.14
C PRO B 23 -5.68 43.89 6.37
N GLN B 24 -6.84 43.45 6.83
CA GLN B 24 -7.09 42.05 7.06
C GLN B 24 -7.12 41.33 5.74
N GLU B 25 -6.14 40.48 5.49
CA GLU B 25 -6.17 39.63 4.31
C GLU B 25 -5.37 38.35 4.50
N LEU B 26 -5.92 37.31 3.94
CA LEU B 26 -5.25 36.06 3.89
C LEU B 26 -4.00 36.26 3.05
N LEU B 27 -2.84 35.91 3.57
CA LEU B 27 -1.61 36.02 2.78
C LEU B 27 -1.17 34.70 2.15
N CYS B 28 -1.31 33.60 2.89
CA CYS B 28 -0.62 32.40 2.55
C CYS B 28 -1.14 31.28 3.39
N GLY B 29 -0.69 30.08 3.07
CA GLY B 29 -0.76 28.99 4.01
C GLY B 29 0.55 28.69 4.73
N ALA B 30 0.50 27.59 5.48
CA ALA B 30 1.54 27.20 6.42
C ALA B 30 1.10 25.90 7.10
N SER B 31 2.02 25.29 7.84
CA SER B 31 1.68 24.07 8.56
C SER B 31 2.11 24.11 10.01
N LEU B 32 1.33 23.44 10.83
CA LEU B 32 1.61 23.31 12.23
C LEU B 32 2.49 22.11 12.46
N ILE B 33 3.72 22.30 12.96
CA ILE B 33 4.58 21.16 13.18
C ILE B 33 4.83 20.84 14.61
N SER B 34 4.37 21.71 15.50
CA SER B 34 4.36 21.37 16.92
C SER B 34 3.41 22.34 17.55
N ASP B 35 3.46 22.49 18.86
CA ASP B 35 2.51 23.37 19.54
C ASP B 35 2.94 24.83 19.49
N ARG B 36 4.14 25.09 19.00
CA ARG B 36 4.67 26.42 19.05
C ARG B 36 5.44 26.83 17.77
N TRP B 37 5.51 25.89 16.85
CA TRP B 37 6.21 26.09 15.60
C TRP B 37 5.33 25.85 14.36
N VAL B 38 5.41 26.80 13.44
CA VAL B 38 4.71 26.78 12.20
C VAL B 38 5.69 26.92 11.06
N LEU B 39 5.49 26.12 10.03
CA LEU B 39 6.36 26.16 8.87
C LEU B 39 5.64 26.88 7.74
N THR B 40 6.35 27.66 6.94
CA THR B 40 5.77 28.25 5.76
C THR B 40 6.86 28.52 4.74
N ALA B 41 6.49 29.17 3.63
CA ALA B 41 7.48 29.60 2.64
C ALA B 41 8.01 31.01 2.91
N ALA B 42 9.31 31.17 2.73
CA ALA B 42 9.98 32.44 2.95
C ALA B 42 9.36 33.56 2.16
N HIS B 43 9.04 33.32 0.89
CA HIS B 43 8.51 34.39 0.04
C HIS B 43 7.13 34.92 0.53
N CYS B 44 6.49 34.21 1.45
CA CYS B 44 5.30 34.72 2.07
C CYS B 44 5.60 35.89 2.98
N LEU B 45 6.77 35.86 3.59
CA LEU B 45 7.16 36.88 4.56
C LEU B 45 8.06 37.93 3.98
N LEU B 46 8.98 37.50 3.12
CA LEU B 46 10.07 38.30 2.61
C LEU B 46 10.28 38.07 1.12
N TYR B 47 9.91 39.05 0.30
CA TYR B 47 10.20 39.04 -1.16
C TYR B 47 10.45 40.48 -1.66
N PRO B 48 11.68 40.94 -1.50
CA PRO B 48 12.01 42.33 -1.85
C PRO B 48 11.54 42.77 -3.23
N PRO B 49 11.69 41.92 -4.27
CA PRO B 49 11.26 42.38 -5.61
C PRO B 49 9.77 42.87 -5.63
N TRP B 50 8.96 42.35 -4.73
CA TRP B 50 7.60 42.88 -4.60
C TRP B 50 7.47 43.76 -3.36
N ASP B 51 8.59 44.31 -2.87
CA ASP B 51 8.58 45.21 -1.75
C ASP B 51 7.81 44.59 -0.55
N LYS B 52 8.15 43.37 -0.21
CA LYS B 52 7.42 42.64 0.82
C LYS B 52 8.41 42.20 1.87
N ASN B 53 8.12 42.51 3.11
CA ASN B 53 9.06 42.32 4.20
C ASN B 53 8.27 42.47 5.47
N PHE B 54 7.56 41.40 5.85
CA PHE B 54 6.71 41.39 7.04
C PHE B 54 7.49 41.11 8.33
N THR B 55 7.09 41.77 9.38
CA THR B 55 7.68 41.56 10.68
C THR B 55 6.62 40.83 11.52
N GLU B 56 7.02 40.20 12.61
CA GLU B 56 6.13 39.44 13.52
C GLU B 56 4.84 40.15 13.92
N ASN B 57 4.98 41.43 14.24
CA ASN B 57 3.85 42.22 14.66
C ASN B 57 2.80 42.48 13.57
N ASP B 58 3.19 42.30 12.32
CA ASP B 58 2.28 42.56 11.17
C ASP B 58 1.24 41.48 11.00
N LEU B 59 1.44 40.37 11.70
CA LEU B 59 0.88 39.10 11.34
C LEU B 59 0.29 38.29 12.47
N LEU B 60 -0.72 37.52 12.09
CA LEU B 60 -1.34 36.54 12.92
C LEU B 60 -1.33 35.22 12.19
N VAL B 61 -1.56 34.15 12.94
CA VAL B 61 -1.86 32.89 12.29
C VAL B 61 -3.12 32.34 12.85
N ARG B 62 -3.84 31.61 12.00
CA ARG B 62 -5.15 31.09 12.33
C ARG B 62 -5.18 29.62 12.00
N ILE B 63 -5.55 28.85 13.02
CA ILE B 63 -5.37 27.43 13.07
C ILE B 63 -6.71 26.78 13.35
N GLY B 64 -6.94 25.62 12.73
CA GLY B 64 -8.18 24.93 12.89
C GLY B 64 -9.22 25.28 11.87
N LYS B 65 -8.88 26.03 10.83
CA LYS B 65 -9.93 26.57 9.98
C LYS B 65 -10.38 25.66 8.88
N HIS B 66 -11.53 26.01 8.33
CA HIS B 66 -12.10 25.34 7.20
C HIS B 66 -12.65 26.39 6.24
N SER B 67 -13.51 27.26 6.79
CA SER B 67 -14.02 28.40 6.01
C SER B 67 -12.90 29.40 5.74
N ARG B 68 -12.84 29.91 4.51
CA ARG B 68 -11.87 30.95 4.17
C ARG B 68 -12.01 32.28 4.95
N THR B 69 -13.23 32.77 5.17
CA THR B 69 -13.39 34.13 5.71
C THR B 69 -14.04 34.22 7.08
N ARG B 70 -15.05 33.39 7.33
CA ARG B 70 -15.73 33.43 8.61
C ARG B 70 -14.84 33.07 9.77
N TYR B 71 -14.91 33.85 10.83
CA TYR B 71 -14.34 33.45 12.10
C TYR B 71 -15.14 32.24 12.57
N GLU B 72 -14.46 31.14 12.86
CA GLU B 72 -15.15 29.90 13.24
C GLU B 72 -14.98 29.74 14.73
N ARG B 73 -15.96 30.32 15.44
CA ARG B 73 -16.06 30.36 16.88
C ARG B 73 -15.95 28.98 17.53
N ASN B 74 -15.15 28.91 18.59
CA ASN B 74 -14.89 27.68 19.33
C ASN B 74 -14.17 26.52 18.57
N ILE B 75 -13.80 26.79 17.31
CA ILE B 75 -13.05 25.85 16.48
C ILE B 75 -11.62 26.38 16.34
N GLU B 76 -11.50 27.54 15.70
CA GLU B 76 -10.22 28.04 15.25
C GLU B 76 -9.49 28.69 16.40
N LYS B 77 -8.18 28.81 16.29
CA LYS B 77 -7.39 29.43 17.33
C LYS B 77 -6.51 30.41 16.59
N ILE B 78 -6.46 31.64 17.09
CA ILE B 78 -5.67 32.71 16.52
C ILE B 78 -4.46 32.92 17.41
N SER B 79 -3.27 32.94 16.83
CA SER B 79 -2.09 33.08 17.63
C SER B 79 -1.24 34.19 17.10
N MET B 80 -0.55 34.86 18.00
CA MET B 80 0.38 35.91 17.63
C MET B 80 1.76 35.25 17.44
N LEU B 81 2.68 35.94 16.76
CA LEU B 81 4.02 35.42 16.50
C LEU B 81 5.08 36.02 17.37
N GLU B 82 5.94 35.18 17.94
CA GLU B 82 7.10 35.65 18.75
C GLU B 82 8.31 35.93 17.89
N LYS B 83 8.54 35.11 16.88
CA LYS B 83 9.74 35.22 16.07
C LYS B 83 9.58 34.54 14.72
N ILE B 84 10.23 35.13 13.73
CA ILE B 84 10.20 34.68 12.37
C ILE B 84 11.61 34.34 12.01
N TYR B 85 11.83 33.12 11.53
CA TYR B 85 13.18 32.74 11.11
C TYR B 85 13.13 32.38 9.62
N ILE B 86 13.80 33.17 8.80
CA ILE B 86 13.91 32.90 7.39
C ILE B 86 15.22 32.20 7.14
N HIS B 87 15.17 31.15 6.32
CA HIS B 87 16.43 30.50 5.94
C HIS B 87 17.46 31.52 5.54
N PRO B 88 18.63 31.48 6.13
CA PRO B 88 19.70 32.49 5.81
C PRO B 88 20.25 32.47 4.39
N ARG B 89 19.92 31.45 3.61
CA ARG B 89 20.33 31.37 2.21
C ARG B 89 19.15 31.22 1.26
N TYR B 90 17.99 31.67 1.70
CA TYR B 90 16.84 31.83 0.85
C TYR B 90 17.20 32.75 -0.32
N ASN B 91 16.95 32.28 -1.54
CA ASN B 91 17.40 33.00 -2.70
C ASN B 91 16.26 33.70 -3.40
N TRP B 92 16.02 34.92 -2.95
CA TRP B 92 14.96 35.70 -3.51
C TRP B 92 15.37 36.49 -4.68
N ARG B 93 16.65 36.62 -4.92
CA ARG B 93 17.07 37.33 -6.12
C ARG B 93 16.69 36.58 -7.37
N GLU B 94 16.76 35.28 -7.34
CA GLU B 94 16.70 34.53 -8.54
C GLU B 94 15.50 33.59 -8.56
N ASN B 95 15.57 32.42 -7.90
CA ASN B 95 14.60 31.31 -8.18
C ASN B 95 13.89 30.74 -6.97
N LEU B 96 13.92 31.48 -5.86
CA LEU B 96 13.34 31.05 -4.64
C LEU B 96 13.99 29.77 -4.06
N ASP B 97 15.27 29.54 -4.32
CA ASP B 97 15.96 28.39 -3.68
C ASP B 97 15.81 28.56 -2.18
N ARG B 98 15.42 27.48 -1.52
CA ARG B 98 15.34 27.43 -0.07
C ARG B 98 14.24 28.32 0.41
N ASP B 99 13.04 28.10 -0.16
CA ASP B 99 11.83 28.92 0.09
C ASP B 99 11.15 28.37 1.30
N ILE B 100 11.71 28.73 2.45
CA ILE B 100 11.24 28.18 3.72
C ILE B 100 11.50 29.13 4.88
N ALA B 101 10.56 29.16 5.82
CA ALA B 101 10.68 29.96 7.00
C ALA B 101 9.95 29.30 8.14
N LEU B 102 10.40 29.59 9.36
CA LEU B 102 9.76 29.08 10.56
C LEU B 102 9.20 30.26 11.30
N MET B 103 8.08 30.01 11.94
CA MET B 103 7.45 31.03 12.74
C MET B 103 7.13 30.41 14.11
N LYS B 104 7.63 31.07 15.17
CA LYS B 104 7.44 30.59 16.53
C LYS B 104 6.32 31.36 17.14
N LEU B 105 5.32 30.64 17.65
CA LEU B 105 4.20 31.28 18.32
C LEU B 105 4.56 31.84 19.71
N LYS B 106 3.88 32.94 20.07
CA LYS B 106 4.06 33.56 21.37
C LYS B 106 3.62 32.62 22.47
N LYS B 107 2.56 31.87 22.23
CA LYS B 107 2.02 30.92 23.20
C LYS B 107 1.65 29.56 22.59
N PRO B 108 2.14 28.48 23.19
CA PRO B 108 1.83 27.19 22.61
C PRO B 108 0.35 27.00 22.46
N VAL B 109 -0.06 26.31 21.43
CA VAL B 109 -1.46 26.19 21.17
C VAL B 109 -1.91 24.83 21.68
N ALA B 110 -3.20 24.73 22.02
CA ALA B 110 -3.82 23.47 22.39
C ALA B 110 -4.31 22.73 21.14
N PHE B 111 -4.12 21.42 21.14
CA PHE B 111 -4.64 20.56 20.05
C PHE B 111 -6.08 20.21 20.26
N SER B 112 -6.75 19.79 19.22
CA SER B 112 -8.16 19.53 19.25
C SER B 112 -8.43 18.69 18.05
N ASP B 113 -9.68 18.41 17.79
CA ASP B 113 -10.01 17.62 16.64
C ASP B 113 -9.62 18.32 15.36
N TYR B 114 -9.49 19.66 15.43
CA TYR B 114 -9.29 20.52 14.21
C TYR B 114 -7.89 21.08 14.14
N ILE B 115 -7.12 20.84 15.21
CA ILE B 115 -5.77 21.36 15.39
C ILE B 115 -4.83 20.25 15.86
N HIS B 116 -3.90 19.86 15.00
CA HIS B 116 -3.01 18.74 15.24
C HIS B 116 -1.79 18.83 14.34
N PRO B 117 -0.55 18.69 14.91
CA PRO B 117 0.61 18.87 14.04
C PRO B 117 0.87 17.70 13.13
N VAL B 118 1.56 18.00 12.02
CA VAL B 118 2.04 17.04 11.04
C VAL B 118 3.51 16.65 11.34
N CYS B 119 3.95 15.52 10.81
CA CYS B 119 5.31 15.05 11.06
C CYS B 119 6.25 15.62 10.05
N LEU B 120 7.45 15.90 10.48
CA LEU B 120 8.57 16.07 9.57
C LEU B 120 9.20 14.74 9.17
N PRO B 121 9.69 14.66 7.93
CA PRO B 121 10.20 13.39 7.45
C PRO B 121 11.57 13.05 7.94
N ASP B 122 11.86 11.75 7.96
CA ASP B 122 13.20 11.27 8.28
C ASP B 122 13.83 10.75 6.98
N ARG B 123 15.06 10.28 7.07
CA ARG B 123 15.73 9.78 5.89
C ARG B 123 14.94 8.62 5.28
N GLU B 124 14.40 7.72 6.08
CA GLU B 124 13.79 6.54 5.47
C GLU B 124 12.48 6.82 4.76
N THR B 125 11.62 7.59 5.41
CA THR B 125 10.38 8.05 4.83
C THR B 125 10.60 8.82 3.53
N ALA B 126 11.59 9.71 3.53
CA ALA B 126 11.92 10.51 2.36
C ALA B 126 12.33 9.61 1.23
N ALA B 127 13.22 8.69 1.56
CA ALA B 127 13.70 7.68 0.62
C ALA B 127 12.58 6.71 0.17
N SER B 128 11.66 6.30 1.02
CA SER B 128 10.58 5.47 0.52
C SER B 128 9.59 6.20 -0.40
N LEU B 129 9.23 7.42 -0.03
CA LEU B 129 8.07 8.06 -0.63
C LEU B 129 8.34 9.10 -1.67
N LEU B 130 9.51 9.71 -1.61
CA LEU B 130 9.83 10.74 -2.58
C LEU B 130 10.31 10.14 -3.88
N GLN B 131 9.36 9.77 -4.73
CA GLN B 131 9.61 9.04 -5.96
C GLN B 131 8.65 9.53 -6.98
N ALA B 132 9.12 9.54 -8.21
CA ALA B 132 8.26 9.86 -9.33
C ALA B 132 7.03 8.93 -9.41
N GLY B 133 5.86 9.51 -9.66
CA GLY B 133 4.60 8.76 -9.73
C GLY B 133 3.91 8.63 -8.39
N TYR B 134 4.62 8.77 -7.27
CA TYR B 134 3.95 8.72 -5.95
C TYR B 134 3.19 10.03 -5.70
N LYS B 135 1.98 9.93 -5.15
CA LYS B 135 1.14 11.12 -4.92
C LYS B 135 1.10 11.61 -3.49
N GLY B 136 1.11 12.94 -3.37
CA GLY B 136 1.03 13.65 -2.11
C GLY B 136 -0.23 14.48 -2.19
N ARG B 137 -0.52 15.21 -1.12
CA ARG B 137 -1.71 16.02 -1.04
C ARG B 137 -1.36 17.47 -0.69
N VAL B 138 -1.98 18.39 -1.41
CA VAL B 138 -1.82 19.82 -1.23
C VAL B 138 -3.13 20.51 -0.86
N THR B 139 -3.02 21.48 0.00
CA THR B 139 -4.14 22.10 0.58
C THR B 139 -3.96 23.57 0.68
N GLY B 140 -5.04 24.30 0.47
CA GLY B 140 -4.99 25.74 0.66
C GLY B 140 -6.24 26.49 0.29
N TRP B 141 -6.22 27.77 0.64
CA TRP B 141 -7.31 28.66 0.32
C TRP B 141 -6.92 29.58 -0.81
N GLY B 142 -5.93 29.20 -1.58
CA GLY B 142 -5.44 30.03 -2.66
C GLY B 142 -6.40 30.06 -3.82
N ASN B 143 -5.96 30.65 -4.95
CA ASN B 143 -6.85 30.86 -6.05
C ASN B 143 -7.26 29.58 -6.78
N LEU B 144 -8.51 29.60 -7.21
CA LEU B 144 -9.10 28.56 -8.03
C LEU B 144 -8.79 28.68 -9.53
N LYS B 145 -8.08 29.72 -9.93
CA LYS B 145 -7.76 29.95 -11.35
C LYS B 145 -6.72 31.06 -11.42
N GLU B 146 -6.32 31.38 -12.63
CA GLU B 146 -5.38 32.44 -12.86
C GLU B 146 -6.12 33.77 -12.77
N THR B 147 -5.93 34.50 -11.67
CA THR B 147 -6.70 35.71 -11.44
C THR B 147 -6.20 36.95 -12.17
N TRP B 148 -5.05 36.90 -12.79
CA TRP B 148 -4.42 38.11 -13.29
C TRP B 148 -4.82 38.24 -14.73
N THR B 149 -5.62 37.32 -15.21
CA THR B 149 -6.16 37.48 -16.53
C THR B 149 -7.59 37.08 -16.51
N ALA B 150 -8.39 37.64 -17.41
CA ALA B 150 -9.84 37.33 -17.41
C ALA B 150 -10.06 35.84 -17.60
N ASN B 151 -10.78 35.26 -16.66
CA ASN B 151 -11.08 33.84 -16.65
C ASN B 151 -12.45 33.70 -16.00
N VAL B 152 -13.20 32.67 -16.37
CA VAL B 152 -14.51 32.47 -15.76
C VAL B 152 -14.31 31.63 -14.49
N GLY B 153 -15.22 31.78 -13.53
CA GLY B 153 -15.13 31.10 -12.23
C GLY B 153 -14.94 32.04 -11.07
N LYS B 154 -15.16 31.56 -9.85
CA LYS B 154 -14.83 32.33 -8.66
C LYS B 154 -13.31 32.35 -8.53
N GLY B 155 -12.78 33.40 -7.92
CA GLY B 155 -11.35 33.47 -7.65
C GLY B 155 -10.90 32.60 -6.50
N GLN B 156 -11.63 32.70 -5.38
CA GLN B 156 -11.26 32.00 -4.15
C GLN B 156 -12.33 31.09 -3.67
N PRO B 157 -11.96 30.11 -2.84
CA PRO B 157 -12.93 29.15 -2.39
C PRO B 157 -13.54 29.56 -1.08
N SER B 158 -14.77 29.11 -0.82
CA SER B 158 -15.40 29.41 0.45
C SER B 158 -14.75 28.64 1.56
N VAL B 159 -14.33 27.42 1.23
CA VAL B 159 -13.64 26.55 2.20
C VAL B 159 -12.35 25.98 1.66
N LEU B 160 -11.57 25.45 2.59
CA LEU B 160 -10.31 24.76 2.29
C LEU B 160 -10.44 23.76 1.15
N GLN B 161 -9.44 23.79 0.27
CA GLN B 161 -9.39 22.96 -0.92
C GLN B 161 -8.22 21.97 -0.87
N VAL B 162 -8.42 20.79 -1.48
CA VAL B 162 -7.45 19.73 -1.51
C VAL B 162 -7.33 19.14 -2.86
N VAL B 163 -6.12 18.80 -3.20
CA VAL B 163 -5.91 18.05 -4.35
C VAL B 163 -4.75 17.11 -4.08
N ASN B 164 -4.80 15.98 -4.79
CA ASN B 164 -3.77 14.94 -4.72
C ASN B 164 -3.00 14.93 -6.03
N LEU B 165 -1.67 14.97 -5.94
CA LEU B 165 -0.83 15.17 -7.13
C LEU B 165 0.41 14.31 -7.10
N PRO B 166 0.76 13.77 -8.25
CA PRO B 166 1.89 12.91 -8.33
C PRO B 166 3.20 13.65 -8.47
N ILE B 167 4.18 13.22 -7.69
CA ILE B 167 5.54 13.72 -7.82
C ILE B 167 6.01 13.42 -9.20
N VAL B 168 6.76 14.35 -9.79
CA VAL B 168 7.24 14.23 -11.16
C VAL B 168 8.76 14.06 -11.19
N GLU B 169 9.22 13.32 -12.20
CA GLU B 169 10.63 13.01 -12.31
C GLU B 169 11.40 14.26 -12.65
N ARG B 170 12.55 14.40 -12.01
CA ARG B 170 13.30 15.61 -12.03
C ARG B 170 13.63 16.15 -13.41
N PRO B 171 13.96 15.25 -14.36
CA PRO B 171 14.33 15.81 -15.69
C PRO B 171 13.16 16.44 -16.44
N VAL B 172 11.95 15.93 -16.20
CA VAL B 172 10.77 16.51 -16.75
C VAL B 172 10.55 17.85 -16.13
N CYS B 173 10.79 17.95 -14.82
CA CYS B 173 10.59 19.21 -14.11
C CYS B 173 11.49 20.26 -14.79
N LYS B 174 12.76 19.91 -14.89
CA LYS B 174 13.80 20.74 -15.51
C LYS B 174 13.40 21.32 -16.88
N ASP B 175 12.84 20.45 -17.70
CA ASP B 175 12.54 20.82 -19.08
C ASP B 175 11.20 21.48 -19.16
N SER B 176 10.45 21.48 -18.07
CA SER B 176 9.17 22.12 -18.11
C SER B 176 9.34 23.62 -18.00
N THR B 177 10.52 24.13 -17.60
CA THR B 177 10.67 25.52 -17.19
C THR B 177 12.03 26.06 -17.52
N ARG B 178 12.10 27.36 -17.78
CA ARG B 178 13.38 28.06 -17.94
C ARG B 178 13.93 28.52 -16.61
N ILE B 179 13.15 28.48 -15.55
CA ILE B 179 13.68 28.84 -14.27
C ILE B 179 14.63 27.76 -13.69
N ARG B 180 15.74 28.17 -13.12
CA ARG B 180 16.70 27.27 -12.58
C ARG B 180 16.13 26.50 -11.42
N ILE B 181 16.09 25.20 -11.54
CA ILE B 181 15.65 24.33 -10.49
C ILE B 181 16.82 23.87 -9.64
N THR B 182 16.60 23.54 -8.36
CA THR B 182 17.67 23.04 -7.50
C THR B 182 17.18 21.81 -6.75
N ASP B 183 18.09 21.12 -6.10
CA ASP B 183 17.70 19.95 -5.32
C ASP B 183 16.96 20.35 -4.07
N ASN B 184 16.87 21.64 -3.75
CA ASN B 184 15.96 22.05 -2.67
C ASN B 184 14.52 22.18 -3.09
N MET B 185 14.22 21.67 -4.26
CA MET B 185 12.88 21.75 -4.82
C MET B 185 12.51 20.43 -5.45
N PHE B 186 11.22 20.21 -5.54
CA PHE B 186 10.68 19.19 -6.41
C PHE B 186 9.33 19.65 -6.99
N CYS B 187 8.85 18.90 -7.99
CA CYS B 187 7.66 19.30 -8.72
C CYS B 187 6.69 18.19 -8.81
N ALA B 188 5.43 18.54 -8.96
CA ALA B 188 4.34 17.60 -8.83
C ALA B 188 3.19 18.10 -9.66
N GLY B 189 2.43 17.15 -10.18
CA GLY B 189 1.41 17.41 -11.15
C GLY B 189 1.30 16.30 -12.17
N TYR B 190 0.13 16.24 -12.78
CA TYR B 190 -0.21 15.32 -13.85
C TYR B 190 0.36 15.80 -15.15
N LYS B 191 0.85 14.86 -15.95
CA LYS B 191 1.26 15.18 -17.33
C LYS B 191 0.02 15.46 -18.16
N PRO B 192 0.18 16.20 -19.27
CA PRO B 192 -0.95 16.43 -20.17
C PRO B 192 -1.71 15.14 -20.63
N ASP B 193 -0.95 14.14 -21.05
CA ASP B 193 -1.51 12.82 -21.41
C ASP B 193 -2.13 12.01 -20.29
N GLU B 194 -1.85 12.36 -19.04
CA GLU B 194 -2.52 11.67 -17.98
C GLU B 194 -3.98 12.08 -17.89
N GLY B 195 -4.40 13.16 -18.53
CA GLY B 195 -5.82 13.58 -18.40
C GLY B 195 -6.40 13.34 -16.98
N LYS B 196 -5.77 13.95 -15.99
CA LYS B 196 -6.36 14.24 -14.70
C LYS B 196 -5.67 15.55 -14.51
N ARG B 197 -6.20 16.40 -13.64
CA ARG B 197 -5.64 17.77 -13.52
C ARG B 197 -5.31 18.12 -12.09
N GLY B 198 -4.81 19.35 -11.90
CA GLY B 198 -4.71 19.94 -10.56
C GLY B 198 -3.42 20.64 -10.26
N ASP B 199 -3.50 21.65 -9.40
CA ASP B 199 -2.35 22.46 -9.10
C ASP B 199 -2.63 23.35 -7.91
N ALA B 200 -1.55 23.72 -7.26
CA ALA B 200 -1.59 24.79 -6.31
C ALA B 200 -1.56 26.07 -7.13
N CYS B 201 -1.83 27.18 -6.47
CA CYS B 201 -1.87 28.48 -7.15
C CYS B 201 -1.47 29.60 -6.21
N GLU B 202 -1.39 30.81 -6.74
CA GLU B 202 -1.12 32.00 -5.94
C GLU B 202 -2.04 31.98 -4.75
N GLY B 203 -1.51 32.34 -3.58
CA GLY B 203 -2.25 32.25 -2.33
C GLY B 203 -2.07 30.92 -1.57
N ASP B 204 -1.62 29.86 -2.25
CA ASP B 204 -1.47 28.57 -1.58
C ASP B 204 -0.08 28.41 -0.96
N SER B 205 0.83 29.32 -1.30
CA SER B 205 2.21 29.26 -0.83
C SER B 205 2.32 29.06 0.64
N GLY B 206 3.24 28.20 1.03
CA GLY B 206 3.47 27.95 2.43
C GLY B 206 2.71 26.74 2.87
N GLY B 207 1.63 26.45 2.17
CA GLY B 207 0.83 25.24 2.50
C GLY B 207 1.59 23.92 2.27
N PRO B 208 1.20 22.86 2.97
CA PRO B 208 1.98 21.65 2.93
C PRO B 208 1.60 20.67 1.81
N PHE B 209 2.63 20.08 1.20
CA PHE B 209 2.54 18.89 0.37
C PHE B 209 2.80 17.72 1.29
N VAL B 210 1.76 16.98 1.63
CA VAL B 210 1.90 15.86 2.55
C VAL B 210 1.67 14.51 1.89
N MET B 211 2.27 13.48 2.52
CA MET B 211 2.13 12.06 2.11
C MET B 211 1.87 11.21 3.34
N LYS B 212 0.98 10.24 3.17
CA LYS B 212 0.68 9.28 4.27
C LYS B 212 1.53 8.03 4.19
N SER B 213 2.27 7.80 5.26
CA SER B 213 3.18 6.68 5.32
C SER B 213 2.38 5.39 5.48
N PRO B 214 2.54 4.48 4.55
CA PRO B 214 1.92 3.19 4.73
C PRO B 214 2.60 2.31 5.80
N PHE B 215 3.72 2.71 6.36
CA PHE B 215 4.38 1.89 7.34
C PHE B 215 3.93 2.25 8.74
N ASN B 216 3.54 3.48 8.98
CA ASN B 216 3.07 3.85 10.33
C ASN B 216 1.78 4.64 10.35
N ASN B 217 1.17 4.82 9.21
CA ASN B 217 -0.10 5.55 9.12
C ASN B 217 -0.06 7.05 9.40
N ARG B 218 1.12 7.63 9.43
CA ARG B 218 1.23 9.02 9.75
C ARG B 218 1.44 9.89 8.53
N TRP B 219 0.90 11.11 8.60
CA TRP B 219 1.11 12.11 7.55
C TRP B 219 2.42 12.89 7.78
N TYR B 220 3.16 13.05 6.71
CA TYR B 220 4.47 13.65 6.78
C TYR B 220 4.45 14.77 5.76
N GLN B 221 5.05 15.90 6.12
CA GLN B 221 5.15 17.00 5.18
C GLN B 221 6.44 16.89 4.32
N MET B 222 6.29 16.57 3.05
CA MET B 222 7.45 16.42 2.23
C MET B 222 7.76 17.72 1.57
N GLY B 223 6.75 18.58 1.40
CA GLY B 223 6.96 19.82 0.68
C GLY B 223 6.18 21.02 1.18
N ILE B 224 6.60 22.18 0.67
CA ILE B 224 5.92 23.48 0.91
C ILE B 224 5.66 24.10 -0.44
N VAL B 225 4.43 24.50 -0.68
CA VAL B 225 4.10 25.18 -1.91
C VAL B 225 4.96 26.41 -2.06
N SER B 226 5.77 26.45 -3.14
CA SER B 226 6.76 27.49 -3.36
C SER B 226 6.49 28.40 -4.57
N TRP B 227 6.43 27.81 -5.75
CA TRP B 227 6.18 28.56 -6.96
C TRP B 227 5.63 27.74 -8.12
N GLY B 228 5.25 28.45 -9.16
CA GLY B 228 4.77 27.85 -10.38
C GLY B 228 4.75 28.89 -11.48
N GLU B 229 4.34 28.49 -12.69
CA GLU B 229 4.10 29.42 -13.78
C GLU B 229 2.68 29.14 -14.27
N GLY B 230 1.81 30.13 -14.13
CA GLY B 230 0.41 29.91 -14.32
C GLY B 230 -0.04 28.97 -13.23
N CYS B 231 -1.27 28.50 -13.34
CA CYS B 231 -1.79 27.46 -12.48
C CYS B 231 -2.38 26.40 -13.38
N ASP B 232 -1.98 25.16 -13.15
CA ASP B 232 -2.62 24.03 -13.80
C ASP B 232 -2.61 24.08 -15.33
N ARG B 233 -1.49 24.50 -15.90
CA ARG B 233 -1.29 24.49 -17.32
C ARG B 233 -0.72 23.17 -17.78
N ASP B 234 -1.15 22.73 -18.96
CA ASP B 234 -0.60 21.50 -19.51
C ASP B 234 0.87 21.73 -19.73
N GLY B 235 1.70 20.82 -19.24
CA GLY B 235 3.12 20.91 -19.49
C GLY B 235 3.90 21.68 -18.45
N LYS B 236 3.22 22.31 -17.48
CA LYS B 236 3.91 22.90 -16.33
C LYS B 236 3.51 22.12 -15.08
N TYR B 237 4.32 22.31 -14.04
CA TYR B 237 4.21 21.56 -12.80
C TYR B 237 4.47 22.48 -11.63
N GLY B 238 3.71 22.29 -10.55
CA GLY B 238 3.91 23.08 -9.36
C GLY B 238 5.22 22.74 -8.72
N PHE B 239 5.90 23.76 -8.18
CA PHE B 239 7.14 23.53 -7.47
C PHE B 239 6.93 23.75 -5.99
N TYR B 240 7.72 22.99 -5.19
CA TYR B 240 7.53 22.79 -3.76
C TYR B 240 8.88 22.77 -3.15
N THR B 241 9.02 23.39 -1.99
CA THR B 241 10.23 23.32 -1.25
C THR B 241 10.43 21.91 -0.72
N HIS B 242 11.62 21.37 -0.91
CA HIS B 242 11.97 20.03 -0.48
C HIS B 242 12.24 20.09 1.03
N VAL B 243 11.25 19.69 1.81
CA VAL B 243 11.41 19.74 3.25
C VAL B 243 12.58 18.92 3.77
N PHE B 244 12.74 17.71 3.27
CA PHE B 244 13.66 16.83 3.91
C PHE B 244 15.08 17.35 3.75
N ARG B 245 15.39 17.87 2.57
CA ARG B 245 16.72 18.39 2.31
C ARG B 245 16.99 19.62 3.17
N LEU B 246 15.98 20.27 3.69
CA LEU B 246 16.20 21.41 4.53
C LEU B 246 15.98 21.10 5.98
N LYS B 247 15.79 19.82 6.28
CA LYS B 247 15.51 19.33 7.64
C LYS B 247 16.58 19.81 8.64
N LYS B 248 17.84 19.72 8.29
CA LYS B 248 18.90 20.06 9.24
C LYS B 248 18.74 21.46 9.80
N TRP B 249 18.45 22.40 8.93
CA TRP B 249 18.17 23.72 9.33
C TRP B 249 16.89 23.78 10.18
N ILE B 250 15.86 23.13 9.72
CA ILE B 250 14.62 23.15 10.48
C ILE B 250 14.94 22.77 11.89
N GLN B 251 15.60 21.63 12.06
CA GLN B 251 15.89 21.11 13.42
C GLN B 251 16.82 22.03 14.24
N LYS B 252 17.83 22.56 13.60
CA LYS B 252 18.75 23.45 14.26
C LYS B 252 18.01 24.63 14.91
N VAL B 253 17.01 25.15 14.22
CA VAL B 253 16.25 26.28 14.73
C VAL B 253 15.27 25.87 15.82
N ILE B 254 14.52 24.81 15.53
CA ILE B 254 13.48 24.34 16.39
C ILE B 254 14.01 23.86 17.75
N ASP B 255 15.16 23.21 17.77
CA ASP B 255 15.70 22.63 18.99
C ASP B 255 16.76 23.53 19.69
N GLN B 256 16.95 24.74 19.15
CA GLN B 256 18.03 25.60 19.58
C GLN B 256 17.82 26.02 21.02
N PHE B 257 16.61 26.41 21.38
CA PHE B 257 16.31 26.86 22.74
C PHE B 257 15.40 25.89 23.46
N GLY B 258 15.41 25.90 24.79
CA GLY B 258 14.48 25.14 25.58
C GLY B 258 13.24 25.98 25.73
N THR C 1 -17.48 -25.18 -17.51
CA THR C 1 -18.05 -23.80 -17.18
C THR C 1 -17.61 -23.44 -15.76
N PHE C 2 -17.05 -22.25 -15.62
CA PHE C 2 -16.64 -21.70 -14.33
C PHE C 2 -17.69 -21.99 -13.27
N GLY C 3 -18.92 -21.59 -13.57
CA GLY C 3 -20.04 -21.69 -12.65
C GLY C 3 -20.12 -20.46 -11.76
N SER C 4 -20.76 -20.61 -10.61
CA SER C 4 -20.90 -19.50 -9.67
C SER C 4 -19.56 -19.12 -9.00
N GLY C 5 -19.46 -17.85 -8.61
CA GLY C 5 -18.53 -17.40 -7.59
C GLY C 5 -17.62 -16.24 -7.94
N GLU C 6 -17.38 -16.09 -9.23
CA GLU C 6 -16.34 -15.18 -9.74
C GLU C 6 -16.53 -13.72 -9.43
N ALA C 7 -17.71 -13.18 -9.76
CA ALA C 7 -17.97 -11.75 -9.53
C ALA C 7 -17.46 -11.36 -8.13
N ASP C 8 -17.65 -12.25 -7.17
CA ASP C 8 -17.32 -11.94 -5.81
C ASP C 8 -16.02 -12.55 -5.32
N CYS C 9 -15.24 -13.14 -6.23
CA CYS C 9 -14.02 -13.87 -5.87
C CYS C 9 -13.01 -13.06 -5.09
N GLY C 10 -12.25 -13.74 -4.26
CA GLY C 10 -11.20 -13.07 -3.54
C GLY C 10 -11.65 -12.10 -2.48
N LEU C 11 -12.96 -12.01 -2.19
CA LEU C 11 -13.46 -11.18 -1.07
C LEU C 11 -14.00 -12.05 0.04
N ARG C 12 -13.34 -12.01 1.19
CA ARG C 12 -13.62 -12.96 2.25
C ARG C 12 -14.78 -12.45 3.10
N PRO C 13 -15.84 -13.26 3.21
CA PRO C 13 -17.01 -12.92 3.99
C PRO C 13 -16.72 -12.38 5.38
N LEU C 14 -15.71 -12.91 6.07
CA LEU C 14 -15.45 -12.47 7.45
C LEU C 14 -14.45 -11.39 7.55
N PHE C 15 -13.97 -10.89 6.43
CA PHE C 15 -12.93 -9.87 6.48
C PHE C 15 -13.24 -8.72 5.58
N GLU C 16 -12.96 -8.83 4.29
CA GLU C 16 -13.23 -7.72 3.36
C GLU C 16 -14.67 -7.34 3.48
N LYS C 17 -15.55 -8.31 3.31
CA LYS C 17 -16.98 -8.05 3.33
C LYS C 17 -17.46 -7.39 4.62
N LYS C 18 -16.68 -7.40 5.70
CA LYS C 18 -17.08 -6.70 6.93
C LYS C 18 -16.08 -5.61 7.29
N SER C 19 -15.33 -5.13 6.30
CA SER C 19 -14.29 -4.15 6.52
C SER C 19 -13.44 -4.48 7.73
N LEU C 20 -13.05 -5.75 7.84
CA LEU C 20 -12.07 -6.21 8.84
C LEU C 20 -10.81 -6.72 8.17
N GLU C 21 -9.68 -6.33 8.72
CA GLU C 21 -8.36 -6.75 8.25
C GLU C 21 -7.94 -7.96 9.10
N ASP C 22 -7.43 -9.02 8.50
CA ASP C 22 -6.82 -10.07 9.30
C ASP C 22 -5.54 -9.55 9.93
N LYS C 23 -4.93 -10.37 10.77
CA LYS C 23 -3.82 -9.88 11.62
C LYS C 23 -2.54 -9.54 10.90
N THR C 24 -2.38 -9.97 9.65
CA THR C 24 -1.12 -9.76 8.97
C THR C 24 -1.19 -9.26 7.54
N GLU C 25 -2.37 -9.08 6.99
CA GLU C 25 -2.47 -8.64 5.62
C GLU C 25 -1.75 -7.36 5.38
N ARG C 26 -1.66 -6.57 6.43
CA ARG C 26 -0.93 -5.32 6.39
C ARG C 26 0.56 -5.50 6.06
N GLU C 27 1.18 -6.59 6.54
CA GLU C 27 2.58 -6.87 6.28
C GLU C 27 2.78 -7.08 4.79
N LEU C 28 1.76 -7.59 4.11
CA LEU C 28 1.85 -7.82 2.69
C LEU C 28 1.88 -6.49 1.94
N LEU C 29 0.86 -5.68 2.20
CA LEU C 29 0.71 -4.37 1.64
C LEU C 29 1.94 -3.52 1.84
N GLU C 30 2.52 -3.56 3.03
CA GLU C 30 3.76 -2.80 3.25
C GLU C 30 4.93 -3.36 2.46
N SER C 31 4.89 -4.64 2.05
CA SER C 31 5.94 -5.22 1.18
C SER C 31 5.85 -4.71 -0.23
N TYR C 32 4.67 -4.22 -0.62
CA TYR C 32 4.43 -3.72 -1.99
C TYR C 32 4.83 -2.25 -2.26
N ILE C 33 5.37 -1.56 -1.25
CA ILE C 33 5.93 -0.21 -1.41
C ILE C 33 7.48 -0.25 -1.56
N ASP C 34 8.03 0.38 -2.60
CA ASP C 34 9.46 0.17 -3.05
C ASP C 34 9.74 -1.24 -3.43
N ILE D 1 3.44 -26.45 6.86
CA ILE D 1 4.04 -25.10 6.94
C ILE D 1 5.02 -24.98 8.12
N VAL D 2 6.23 -24.54 7.85
CA VAL D 2 7.23 -24.37 8.88
C VAL D 2 7.34 -22.92 9.33
N GLU D 3 7.27 -22.70 10.66
CA GLU D 3 7.30 -21.38 11.28
C GLU D 3 6.20 -20.43 10.81
N GLY D 4 5.05 -20.97 10.46
CA GLY D 4 3.90 -20.12 10.28
C GLY D 4 3.25 -19.94 11.64
N SER D 5 1.96 -19.68 11.63
CA SER D 5 1.17 -19.51 12.83
C SER D 5 -0.18 -20.14 12.57
N ASP D 6 -1.02 -20.26 13.59
CA ASP D 6 -2.42 -20.63 13.33
C ASP D 6 -3.13 -19.59 12.44
N ALA D 7 -3.94 -20.09 11.52
CA ALA D 7 -4.80 -19.26 10.72
C ALA D 7 -5.97 -18.79 11.51
N GLU D 8 -6.49 -17.61 11.20
CA GLU D 8 -7.75 -17.18 11.81
C GLU D 8 -8.90 -17.85 11.10
N ILE D 9 -10.06 -17.82 11.72
CA ILE D 9 -11.23 -18.39 11.09
C ILE D 9 -11.55 -17.61 9.83
N GLY D 10 -11.86 -18.34 8.77
CA GLY D 10 -12.25 -17.75 7.49
C GLY D 10 -11.23 -16.85 6.80
N MET D 11 -9.97 -16.98 7.20
CA MET D 11 -8.89 -16.19 6.63
C MET D 11 -8.47 -16.68 5.23
N SER D 12 -8.65 -17.97 4.92
CA SER D 12 -8.60 -18.40 3.53
C SER D 12 -9.67 -19.41 3.22
N PRO D 13 -10.85 -18.91 2.95
CA PRO D 13 -12.01 -19.71 2.70
C PRO D 13 -11.92 -20.49 1.41
N TRP D 14 -10.82 -20.31 0.66
CA TRP D 14 -10.60 -21.04 -0.59
C TRP D 14 -9.71 -22.23 -0.32
N GLN D 15 -9.24 -22.38 0.91
CA GLN D 15 -8.38 -23.54 1.19
C GLN D 15 -9.15 -24.82 1.03
N VAL D 16 -8.55 -25.79 0.38
CA VAL D 16 -9.19 -27.06 0.20
C VAL D 16 -8.22 -28.16 0.68
N MET D 17 -8.80 -29.17 1.29
CA MET D 17 -8.07 -30.33 1.74
C MET D 17 -8.28 -31.46 0.74
N LEU D 18 -7.21 -32.01 0.18
CA LEU D 18 -7.33 -33.14 -0.73
C LEU D 18 -7.02 -34.43 0.05
N PHE D 19 -7.96 -35.36 0.06
CA PHE D 19 -8.07 -36.36 1.11
C PHE D 19 -8.27 -37.70 0.41
N ARG D 20 -7.49 -38.69 0.80
CA ARG D 20 -7.57 -40.01 0.17
C ARG D 20 -8.68 -40.82 0.79
N LYS D 21 -9.46 -41.52 -0.02
CA LYS D 21 -10.62 -42.22 0.53
C LYS D 21 -10.20 -43.33 1.46
N SER D 22 -9.29 -44.21 1.02
CA SER D 22 -8.81 -45.33 1.88
C SER D 22 -7.41 -45.86 1.55
N PRO D 23 -6.52 -45.90 2.54
CA PRO D 23 -6.69 -45.30 3.88
C PRO D 23 -7.02 -43.80 3.85
N GLN D 24 -7.78 -43.33 4.84
CA GLN D 24 -8.06 -41.92 5.03
C GLN D 24 -6.76 -41.27 5.37
N GLU D 25 -6.24 -40.47 4.46
CA GLU D 25 -5.13 -39.62 4.81
C GLU D 25 -5.15 -38.34 4.00
N LEU D 26 -4.82 -37.27 4.70
CA LEU D 26 -4.60 -36.01 4.10
C LEU D 26 -3.45 -36.19 3.09
N LEU D 27 -3.66 -35.83 1.82
CA LEU D 27 -2.61 -35.90 0.83
C LEU D 27 -1.96 -34.52 0.61
N CYS D 28 -2.76 -33.46 0.54
CA CYS D 28 -2.31 -32.24 -0.08
C CYS D 28 -3.27 -31.14 0.23
N GLY D 29 -2.86 -29.92 -0.12
CA GLY D 29 -3.80 -28.84 -0.25
C GLY D 29 -4.21 -28.55 -1.68
N ALA D 30 -5.00 -27.49 -1.79
CA ALA D 30 -5.64 -27.13 -3.03
C ALA D 30 -6.44 -25.86 -2.77
N SER D 31 -6.90 -25.24 -3.85
CA SER D 31 -7.68 -24.02 -3.74
C SER D 31 -8.98 -24.07 -4.53
N LEU D 32 -9.98 -23.43 -3.93
CA LEU D 32 -11.28 -23.33 -4.54
C LEU D 32 -11.31 -22.14 -5.46
N ILE D 33 -11.53 -22.34 -6.75
CA ILE D 33 -11.56 -21.19 -7.66
C ILE D 33 -12.93 -20.94 -8.27
N SER D 34 -13.85 -21.85 -8.04
CA SER D 34 -15.24 -21.57 -8.35
C SER D 34 -16.06 -22.56 -7.54
N ASP D 35 -17.34 -22.75 -7.88
CA ASP D 35 -18.19 -23.65 -7.09
C ASP D 35 -17.99 -25.11 -7.48
N ARG D 36 -17.23 -25.36 -8.54
CA ARG D 36 -17.14 -26.66 -9.18
C ARG D 36 -15.70 -27.06 -9.49
N TRP D 37 -14.81 -26.08 -9.34
CA TRP D 37 -13.42 -26.23 -9.75
C TRP D 37 -12.45 -25.97 -8.63
N VAL D 38 -11.53 -26.90 -8.49
CA VAL D 38 -10.47 -26.82 -7.52
C VAL D 38 -9.12 -26.93 -8.21
N LEU D 39 -8.18 -26.15 -7.74
CA LEU D 39 -6.85 -26.14 -8.33
C LEU D 39 -5.91 -26.81 -7.37
N THR D 40 -4.95 -27.56 -7.89
CA THR D 40 -3.93 -28.16 -7.04
C THR D 40 -2.67 -28.42 -7.85
N ALA D 41 -1.67 -29.06 -7.25
CA ALA D 41 -0.48 -29.44 -7.97
C ALA D 41 -0.60 -30.86 -8.56
N ALA D 42 -0.10 -31.00 -9.77
CA ALA D 42 -0.14 -32.27 -10.47
C ALA D 42 0.51 -33.39 -9.69
N HIS D 43 1.66 -33.11 -9.07
CA HIS D 43 2.40 -34.16 -8.33
C HIS D 43 1.61 -34.72 -7.15
N CYS D 44 0.54 -34.03 -6.73
CA CYS D 44 -0.36 -34.56 -5.69
C CYS D 44 -1.16 -35.73 -6.22
N LEU D 45 -1.47 -35.70 -7.51
CA LEU D 45 -2.28 -36.72 -8.12
C LEU D 45 -1.48 -37.76 -8.90
N LEU D 46 -0.44 -37.29 -9.57
CA LEU D 46 0.32 -38.10 -10.47
C LEU D 46 1.83 -37.84 -10.26
N TYR D 47 2.55 -38.83 -9.76
CA TYR D 47 4.01 -38.81 -9.75
C TYR D 47 4.54 -40.25 -9.87
N PRO D 48 4.71 -40.71 -11.11
CA PRO D 48 5.13 -42.12 -11.36
C PRO D 48 6.37 -42.58 -10.57
N PRO D 49 7.43 -41.72 -10.51
CA PRO D 49 8.63 -42.15 -9.77
C PRO D 49 8.28 -42.62 -8.36
N TRP D 50 7.21 -42.08 -7.77
CA TRP D 50 6.80 -42.57 -6.46
C TRP D 50 5.62 -43.53 -6.51
N ASP D 51 5.36 -44.17 -7.65
CA ASP D 51 4.27 -45.16 -7.69
C ASP D 51 2.89 -44.46 -7.41
N LYS D 52 2.68 -43.24 -7.90
CA LYS D 52 1.50 -42.47 -7.49
C LYS D 52 0.72 -42.06 -8.71
N ASN D 53 -0.54 -42.40 -8.72
CA ASN D 53 -1.39 -42.19 -9.90
C ASN D 53 -2.78 -42.38 -9.42
N PHE D 54 -3.33 -41.32 -8.84
CA PHE D 54 -4.68 -41.35 -8.31
C PHE D 54 -5.73 -41.15 -9.39
N THR D 55 -6.83 -41.84 -9.26
CA THR D 55 -7.97 -41.64 -10.10
C THR D 55 -9.04 -40.92 -9.24
N GLU D 56 -10.01 -40.29 -9.90
CA GLU D 56 -11.09 -39.53 -9.25
C GLU D 56 -11.76 -40.25 -8.09
N ASN D 57 -12.04 -41.55 -8.31
CA ASN D 57 -12.78 -42.28 -7.29
CA ASN D 57 -12.73 -42.43 -7.34
C ASN D 57 -11.94 -42.64 -6.05
N ASP D 58 -10.61 -42.44 -6.13
CA ASP D 58 -9.69 -42.63 -4.98
C ASP D 58 -9.76 -41.52 -3.92
N LEU D 59 -10.44 -40.42 -4.26
CA LEU D 59 -10.26 -39.12 -3.62
C LEU D 59 -11.50 -38.30 -3.31
N LEU D 60 -11.38 -37.55 -2.23
CA LEU D 60 -12.38 -36.62 -1.80
C LEU D 60 -11.69 -35.29 -1.60
N VAL D 61 -12.49 -34.23 -1.51
CA VAL D 61 -11.97 -32.95 -1.08
C VAL D 61 -12.83 -32.48 0.04
N ARG D 62 -12.22 -31.73 0.96
CA ARG D 62 -12.90 -31.19 2.12
C ARG D 62 -12.62 -29.70 2.20
N ILE D 63 -13.70 -28.94 2.33
CA ILE D 63 -13.71 -27.51 2.14
C ILE D 63 -14.33 -26.83 3.34
N GLY D 64 -13.85 -25.64 3.66
CA GLY D 64 -14.33 -24.92 4.82
C GLY D 64 -13.58 -25.26 6.09
N LYS D 65 -12.45 -25.97 6.02
CA LYS D 65 -11.88 -26.45 7.26
C LYS D 65 -10.93 -25.49 7.93
N HIS D 66 -10.66 -25.80 9.19
CA HIS D 66 -9.70 -25.10 9.99
C HIS D 66 -8.89 -26.12 10.81
N SER D 67 -9.61 -26.97 11.53
CA SER D 67 -9.00 -28.11 12.23
C SER D 67 -8.50 -29.15 11.24
N ARG D 68 -7.28 -29.65 11.46
CA ARG D 68 -6.75 -30.68 10.60
C ARG D 68 -7.58 -31.97 10.61
N THR D 69 -8.08 -32.38 11.77
CA THR D 69 -8.64 -33.74 11.88
C THR D 69 -10.13 -33.80 12.25
N ARG D 70 -10.58 -32.96 13.17
CA ARG D 70 -12.01 -32.98 13.58
C ARG D 70 -12.95 -32.66 12.46
N TYR D 71 -14.01 -33.44 12.34
CA TYR D 71 -15.09 -33.08 11.46
C TYR D 71 -15.73 -31.84 12.04
N GLU D 72 -15.81 -30.78 11.26
CA GLU D 72 -16.33 -29.50 11.79
C GLU D 72 -17.78 -29.34 11.29
N ARG D 73 -18.71 -29.85 12.11
CA ARG D 73 -20.17 -29.96 11.79
C ARG D 73 -20.79 -28.62 11.40
N ASN D 74 -21.57 -28.61 10.30
CA ASN D 74 -22.20 -27.39 9.76
C ASN D 74 -21.27 -26.31 9.16
N ILE D 75 -19.96 -26.60 9.17
CA ILE D 75 -18.96 -25.70 8.65
C ILE D 75 -18.46 -26.32 7.36
N GLU D 76 -17.81 -27.47 7.46
CA GLU D 76 -17.07 -28.02 6.33
C GLU D 76 -17.98 -28.75 5.38
N LYS D 77 -17.53 -28.93 4.14
CA LYS D 77 -18.31 -29.62 3.12
C LYS D 77 -17.38 -30.56 2.43
N ILE D 78 -17.84 -31.77 2.22
CA ILE D 78 -17.06 -32.81 1.59
C ILE D 78 -17.60 -33.03 0.19
N SER D 79 -16.73 -33.11 -0.81
CA SER D 79 -17.20 -33.28 -2.18
C SER D 79 -16.44 -34.36 -2.93
N MET D 80 -17.12 -35.06 -3.80
CA MET D 80 -16.54 -36.10 -4.60
C MET D 80 -16.06 -35.45 -5.90
N LEU D 81 -15.16 -36.12 -6.63
CA LEU D 81 -14.61 -35.59 -7.88
C LEU D 81 -15.21 -36.21 -9.14
N GLU D 82 -15.58 -35.38 -10.13
CA GLU D 82 -16.06 -35.85 -11.44
C GLU D 82 -14.94 -36.11 -12.43
N LYS D 83 -13.93 -35.25 -12.41
CA LYS D 83 -12.86 -35.36 -13.38
C LYS D 83 -11.59 -34.65 -12.88
N ILE D 84 -10.48 -35.22 -13.26
CA ILE D 84 -9.18 -34.73 -12.93
C ILE D 84 -8.56 -34.33 -14.25
N TYR D 85 -8.07 -33.10 -14.36
CA TYR D 85 -7.33 -32.69 -15.56
C TYR D 85 -5.89 -32.26 -15.18
N ILE D 86 -4.90 -33.04 -15.61
CA ILE D 86 -3.50 -32.77 -15.37
C ILE D 86 -2.96 -32.04 -16.57
N HIS D 87 -2.23 -30.97 -16.34
CA HIS D 87 -1.56 -30.32 -17.45
C HIS D 87 -0.89 -31.32 -18.37
N PRO D 88 -1.18 -31.26 -19.68
CA PRO D 88 -0.61 -32.23 -20.62
C PRO D 88 0.91 -32.19 -20.81
N ARG D 89 1.57 -31.16 -20.29
CA ARG D 89 3.00 -31.07 -20.36
C ARG D 89 3.63 -30.92 -18.97
N TYR D 90 2.95 -31.39 -17.96
CA TYR D 90 3.52 -31.58 -16.66
C TYR D 90 4.75 -32.49 -16.73
N ASN D 91 5.88 -32.03 -16.19
CA ASN D 91 7.13 -32.73 -16.38
C ASN D 91 7.57 -33.41 -15.12
N TRP D 92 7.07 -34.63 -14.97
CA TRP D 92 7.36 -35.43 -13.81
C TRP D 92 8.65 -36.17 -13.94
N ARG D 93 9.20 -36.28 -15.13
CA ARG D 93 10.46 -36.98 -15.24
C ARG D 93 11.57 -36.20 -14.58
N GLU D 94 11.54 -34.88 -14.67
CA GLU D 94 12.72 -34.10 -14.32
C GLU D 94 12.44 -33.17 -13.14
N ASN D 95 11.78 -32.04 -13.36
CA ASN D 95 11.79 -30.95 -12.38
C ASN D 95 10.42 -30.40 -12.00
N LEU D 96 9.37 -31.16 -12.29
CA LEU D 96 8.00 -30.75 -12.01
C LEU D 96 7.58 -29.49 -12.74
N ASP D 97 8.16 -29.24 -13.90
CA ASP D 97 7.67 -28.11 -14.71
C ASP D 97 6.15 -28.29 -14.91
N ARG D 98 5.38 -27.25 -14.69
CA ARG D 98 3.97 -27.23 -14.95
C ARG D 98 3.27 -28.12 -14.00
N ASP D 99 3.52 -27.89 -12.71
CA ASP D 99 3.01 -28.71 -11.60
C ASP D 99 1.63 -28.18 -11.22
N ILE D 100 0.66 -28.56 -12.02
CA ILE D 100 -0.67 -28.01 -11.87
C ILE D 100 -1.74 -28.99 -12.39
N ALA D 101 -2.86 -29.03 -11.70
CA ALA D 101 -3.96 -29.87 -12.11
C ALA D 101 -5.25 -29.25 -11.68
N LEU D 102 -6.32 -29.57 -12.42
CA LEU D 102 -7.64 -29.09 -12.06
C LEU D 102 -8.46 -30.28 -11.69
N MET D 103 -9.33 -30.09 -10.72
CA MET D 103 -10.25 -31.10 -10.32
C MET D 103 -11.65 -30.50 -10.35
N LYS D 104 -12.53 -31.18 -11.11
CA LYS D 104 -13.93 -30.78 -11.23
C LYS D 104 -14.74 -31.55 -10.24
N LEU D 105 -15.48 -30.86 -9.39
CA LEU D 105 -16.41 -31.51 -8.46
C LEU D 105 -17.65 -32.13 -9.13
N LYS D 106 -18.10 -33.26 -8.59
CA LYS D 106 -19.31 -33.91 -9.07
C LYS D 106 -20.54 -33.05 -8.90
N LYS D 107 -20.58 -32.28 -7.81
CA LYS D 107 -21.68 -31.32 -7.52
C LYS D 107 -21.22 -29.97 -6.94
N PRO D 108 -21.73 -28.87 -7.49
CA PRO D 108 -21.27 -27.58 -7.03
C PRO D 108 -21.40 -27.46 -5.54
N VAL D 109 -20.52 -26.69 -4.94
CA VAL D 109 -20.56 -26.53 -3.53
C VAL D 109 -21.18 -25.17 -3.19
N ALA D 110 -21.80 -25.09 -2.02
CA ALA D 110 -22.38 -23.86 -1.53
C ALA D 110 -21.35 -23.05 -0.81
N PHE D 111 -21.36 -21.74 -1.04
CA PHE D 111 -20.45 -20.82 -0.35
C PHE D 111 -21.02 -20.42 0.98
N SER D 112 -20.19 -19.90 1.85
CA SER D 112 -20.56 -19.62 3.21
C SER D 112 -19.49 -18.75 3.74
N ASP D 113 -19.53 -18.44 5.02
CA ASP D 113 -18.50 -17.62 5.60
C ASP D 113 -17.15 -18.31 5.57
N TYR D 114 -17.15 -19.64 5.43
CA TYR D 114 -15.92 -20.48 5.50
C TYR D 114 -15.48 -21.03 4.16
N ILE D 115 -16.33 -20.84 3.17
CA ILE D 115 -16.15 -21.41 1.84
C ILE D 115 -16.40 -20.32 0.79
N HIS D 116 -15.34 -19.93 0.10
CA HIS D 116 -15.38 -18.81 -0.85
C HIS D 116 -14.20 -18.88 -1.82
N PRO D 117 -14.46 -18.76 -3.14
CA PRO D 117 -13.33 -18.95 -4.06
C PRO D 117 -12.41 -17.73 -4.12
N VAL D 118 -11.17 -18.01 -4.55
CA VAL D 118 -10.12 -17.03 -4.75
C VAL D 118 -10.09 -16.65 -6.22
N CYS D 119 -9.47 -15.50 -6.54
CA CYS D 119 -9.38 -15.02 -7.93
C CYS D 119 -8.16 -15.53 -8.59
N LEU D 120 -8.27 -15.83 -9.87
CA LEU D 120 -7.13 -16.02 -10.74
C LEU D 120 -6.61 -14.70 -11.31
N PRO D 121 -5.29 -14.58 -11.49
CA PRO D 121 -4.70 -13.27 -11.81
C PRO D 121 -4.83 -12.92 -13.23
N ASP D 122 -4.83 -11.62 -13.52
CA ASP D 122 -4.78 -11.11 -14.90
C ASP D 122 -3.39 -10.55 -15.19
N ARG D 123 -3.18 -10.05 -16.40
CA ARG D 123 -1.88 -9.53 -16.77
C ARG D 123 -1.52 -8.40 -15.83
N GLU D 124 -2.46 -7.55 -15.49
CA GLU D 124 -2.06 -6.35 -14.75
C GLU D 124 -1.66 -6.64 -13.32
N THR D 125 -2.45 -7.47 -12.67
CA THR D 125 -2.16 -7.90 -11.32
C THR D 125 -0.85 -8.66 -11.21
N ALA D 126 -0.62 -9.52 -12.17
CA ALA D 126 0.60 -10.29 -12.20
C ALA D 126 1.76 -9.33 -12.36
N ALA D 127 1.61 -8.39 -13.26
CA ALA D 127 2.61 -7.35 -13.49
C ALA D 127 2.79 -6.41 -12.32
N SER D 128 1.75 -6.04 -11.62
CA SER D 128 1.95 -5.17 -10.45
C SER D 128 2.64 -5.89 -9.29
N LEU D 129 2.23 -7.13 -9.05
CA LEU D 129 2.58 -7.80 -7.80
C LEU D 129 3.68 -8.79 -7.84
N LEU D 130 3.94 -9.39 -8.98
CA LEU D 130 4.94 -10.44 -9.05
C LEU D 130 6.31 -9.86 -9.22
N GLN D 131 6.89 -9.46 -8.09
CA GLN D 131 8.15 -8.74 -8.02
C GLN D 131 8.93 -9.23 -6.82
N ALA D 132 10.24 -9.25 -6.97
CA ALA D 132 11.11 -9.57 -5.87
C ALA D 132 10.87 -8.65 -4.68
N GLY D 133 10.85 -9.22 -3.48
CA GLY D 133 10.59 -8.49 -2.27
C GLY D 133 9.12 -8.33 -1.93
N TYR D 134 8.21 -8.47 -2.88
CA TYR D 134 6.77 -8.43 -2.55
C TYR D 134 6.34 -9.76 -1.86
N LYS D 135 5.52 -9.67 -0.81
CA LYS D 135 5.13 -10.86 -0.07
C LYS D 135 3.75 -11.37 -0.43
N GLY D 136 3.64 -12.69 -0.44
CA GLY D 136 2.41 -13.42 -0.61
C GLY D 136 2.20 -14.27 0.62
N ARG D 137 1.11 -15.03 0.64
CA ARG D 137 0.72 -15.82 1.81
C ARG D 137 0.48 -17.25 1.40
N VAL D 138 1.04 -18.17 2.18
CA VAL D 138 0.92 -19.58 1.96
C VAL D 138 0.26 -20.25 3.11
N THR D 139 -0.51 -21.27 2.80
CA THR D 139 -1.35 -21.87 3.79
C THR D 139 -1.35 -23.36 3.63
N GLY D 140 -1.43 -24.07 4.74
CA GLY D 140 -1.65 -25.51 4.65
C GLY D 140 -1.57 -26.28 5.94
N TRP D 141 -1.92 -27.57 5.82
CA TRP D 141 -1.85 -28.46 6.97
C TRP D 141 -0.67 -29.38 6.85
N GLY D 142 0.29 -29.02 6.04
CA GLY D 142 1.46 -29.86 5.83
C GLY D 142 2.37 -29.86 7.06
N ASN D 143 3.57 -30.42 6.89
CA ASN D 143 4.42 -30.66 8.00
C ASN D 143 5.05 -29.38 8.57
N LEU D 144 5.15 -29.41 9.89
CA LEU D 144 5.79 -28.38 10.66
C LEU D 144 7.32 -28.50 10.71
N LYS D 145 7.89 -29.52 10.10
CA LYS D 145 9.35 -29.76 10.12
C LYS D 145 9.69 -30.86 9.10
N GLU D 146 10.97 -31.16 8.94
CA GLU D 146 11.41 -32.23 8.07
C GLU D 146 11.17 -33.58 8.77
N THR D 147 10.11 -34.32 8.38
CA THR D 147 9.72 -35.55 9.08
C THR D 147 10.52 -36.81 8.73
N TRP D 148 11.39 -36.75 7.72
CA TRP D 148 12.04 -37.92 7.17
C TRP D 148 13.34 -38.10 7.91
N THR D 149 13.59 -37.25 8.89
CA THR D 149 14.70 -37.49 9.76
C THR D 149 14.32 -37.06 11.13
N ALA D 150 14.98 -37.61 12.14
CA ALA D 150 14.64 -37.27 13.54
C ALA D 150 14.82 -35.76 13.78
N ASN D 151 13.75 -35.15 14.24
CA ASN D 151 13.70 -33.75 14.50
C ASN D 151 12.74 -33.65 15.68
N VAL D 152 12.95 -32.65 16.51
CA VAL D 152 12.07 -32.42 17.63
C VAL D 152 10.91 -31.54 17.13
N GLY D 153 9.75 -31.65 17.78
CA GLY D 153 8.53 -30.95 17.37
C GLY D 153 7.43 -31.88 16.92
N LYS D 154 6.19 -31.38 16.89
CA LYS D 154 5.08 -32.14 16.31
C LYS D 154 5.27 -32.16 14.80
N GLY D 155 4.82 -33.23 14.13
CA GLY D 155 4.88 -33.35 12.67
C GLY D 155 3.86 -32.47 11.97
N GLN D 156 2.61 -32.50 12.45
CA GLN D 156 1.49 -31.78 11.84
C GLN D 156 0.75 -30.87 12.81
N PRO D 157 0.06 -29.87 12.27
CA PRO D 157 -0.59 -28.91 13.12
C PRO D 157 -2.01 -29.32 13.43
N SER D 158 -2.53 -28.90 14.58
CA SER D 158 -3.94 -29.17 14.91
C SER D 158 -4.86 -28.36 14.02
N VAL D 159 -4.43 -27.14 13.65
CA VAL D 159 -5.21 -26.27 12.74
C VAL D 159 -4.39 -25.73 11.59
N LEU D 160 -5.10 -25.24 10.59
CA LEU D 160 -4.48 -24.57 9.44
C LEU D 160 -3.41 -23.55 9.83
N GLN D 161 -2.31 -23.59 9.07
CA GLN D 161 -1.16 -22.74 9.28
C GLN D 161 -0.92 -21.76 8.11
N VAL D 162 -0.40 -20.57 8.45
CA VAL D 162 -0.17 -19.50 7.50
C VAL D 162 1.16 -18.93 7.70
N VAL D 163 1.76 -18.59 6.60
CA VAL D 163 2.94 -17.81 6.66
C VAL D 163 2.96 -16.86 5.46
N ASN D 164 3.57 -15.70 5.70
CA ASN D 164 3.76 -14.67 4.68
C ASN D 164 5.20 -14.67 4.30
N LEU D 165 5.46 -14.70 2.99
CA LEU D 165 6.83 -14.88 2.47
C LEU D 165 7.10 -14.02 1.24
N PRO D 166 8.32 -13.47 1.14
CA PRO D 166 8.67 -12.58 0.06
C PRO D 166 9.13 -13.29 -1.19
N ILE D 167 8.59 -12.88 -2.34
CA ILE D 167 9.02 -13.40 -3.63
C ILE D 167 10.50 -13.06 -3.78
N VAL D 168 11.24 -13.99 -4.37
CA VAL D 168 12.66 -13.87 -4.47
C VAL D 168 13.06 -13.71 -5.92
N GLU D 169 14.13 -12.93 -6.12
CA GLU D 169 14.57 -12.60 -7.46
C GLU D 169 15.04 -13.84 -8.16
N ARG D 170 14.66 -13.94 -9.42
CA ARG D 170 14.91 -15.15 -10.21
C ARG D 170 16.36 -15.68 -10.20
N PRO D 171 17.34 -14.80 -10.25
CA PRO D 171 18.71 -15.34 -10.26
C PRO D 171 19.15 -15.96 -8.94
N VAL D 172 18.64 -15.45 -7.84
CA VAL D 172 18.91 -16.04 -6.56
C VAL D 172 18.23 -17.39 -6.46
N CYS D 173 16.99 -17.50 -6.98
CA CYS D 173 16.29 -18.76 -7.01
C CYS D 173 17.16 -19.80 -7.73
N LYS D 174 17.60 -19.42 -8.94
CA LYS D 174 18.42 -20.26 -9.82
C LYS D 174 19.70 -20.77 -9.15
N ASP D 175 20.35 -19.89 -8.39
CA ASP D 175 21.62 -20.24 -7.76
C ASP D 175 21.41 -20.91 -6.44
N SER D 176 20.18 -20.95 -5.96
CA SER D 176 19.94 -21.61 -4.70
C SER D 176 19.89 -23.08 -4.89
N THR D 177 19.76 -23.57 -6.13
CA THR D 177 19.43 -24.97 -6.36
C THR D 177 20.07 -25.49 -7.62
N ARG D 178 20.38 -26.78 -7.61
CA ARG D 178 20.89 -27.46 -8.80
C ARG D 178 19.76 -27.97 -9.70
N ILE D 179 18.54 -27.93 -9.22
CA ILE D 179 17.44 -28.37 -10.07
C ILE D 179 17.11 -27.31 -11.11
N ARG D 180 16.86 -27.72 -12.34
CA ARG D 180 16.49 -26.78 -13.41
C ARG D 180 15.20 -26.02 -13.13
N ILE D 181 15.26 -24.70 -13.02
CA ILE D 181 14.07 -23.90 -12.82
C ILE D 181 13.53 -23.44 -14.16
N THR D 182 12.25 -23.15 -14.26
CA THR D 182 11.65 -22.66 -15.52
C THR D 182 10.80 -21.44 -15.20
N ASP D 183 10.35 -20.77 -16.25
CA ASP D 183 9.47 -19.63 -16.05
C ASP D 183 8.10 -20.04 -15.58
N ASN D 184 7.81 -21.33 -15.54
CA ASN D 184 6.56 -21.77 -14.94
C ASN D 184 6.64 -21.93 -13.44
N MET D 185 7.71 -21.40 -12.85
CA MET D 185 7.91 -21.48 -11.43
C MET D 185 8.36 -20.15 -10.93
N PHE D 186 8.14 -19.90 -9.65
CA PHE D 186 8.88 -18.88 -8.94
C PHE D 186 9.15 -19.33 -7.48
N CYS D 187 9.99 -18.58 -6.78
CA CYS D 187 10.43 -18.96 -5.46
C CYS D 187 10.26 -17.81 -4.49
N ALA D 188 10.14 -18.16 -3.24
CA ALA D 188 9.75 -17.24 -2.23
C ALA D 188 10.35 -17.74 -0.91
N GLY D 189 10.60 -16.80 -0.04
CA GLY D 189 11.26 -17.06 1.22
C GLY D 189 12.22 -15.95 1.59
N TYR D 190 12.55 -15.92 2.86
CA TYR D 190 13.49 -14.98 3.45
C TYR D 190 14.91 -15.45 3.20
N LYS D 191 15.80 -14.50 2.94
CA LYS D 191 17.22 -14.80 2.88
C LYS D 191 17.73 -15.07 4.27
N PRO D 192 18.85 -15.78 4.41
CA PRO D 192 19.45 -16.02 5.73
C PRO D 192 19.68 -14.72 6.56
N ASP D 193 20.26 -13.70 5.93
CA ASP D 193 20.44 -12.36 6.56
C ASP D 193 19.18 -11.57 6.90
N GLU D 194 18.05 -11.92 6.31
CA GLU D 194 16.83 -11.22 6.63
C GLU D 194 16.34 -11.67 8.01
N GLY D 195 16.90 -12.72 8.58
CA GLY D 195 16.48 -13.12 9.93
C GLY D 195 14.99 -12.93 10.14
N LYS D 196 14.21 -13.58 9.31
CA LYS D 196 12.84 -13.92 9.58
C LYS D 196 12.85 -15.24 8.90
N ARG D 197 11.91 -16.12 9.21
CA ARG D 197 11.90 -17.47 8.64
C ARG D 197 10.55 -17.84 8.05
N GLY D 198 10.47 -19.07 7.52
CA GLY D 198 9.23 -19.64 7.05
C GLY D 198 9.27 -20.33 5.71
N ASP D 199 8.45 -21.37 5.59
CA ASP D 199 8.45 -22.19 4.37
C ASP D 199 7.24 -23.09 4.39
N ALA D 200 6.88 -23.47 3.20
CA ALA D 200 5.97 -24.57 3.00
C ALA D 200 6.76 -25.82 3.22
N CYS D 201 6.07 -26.94 3.31
CA CYS D 201 6.73 -28.21 3.46
C CYS D 201 5.95 -29.33 2.77
N GLU D 202 6.51 -30.52 2.76
CA GLU D 202 5.76 -31.71 2.34
C GLU D 202 4.37 -31.69 2.99
N GLY D 203 3.36 -32.06 2.19
CA GLY D 203 1.96 -32.02 2.64
C GLY D 203 1.26 -30.71 2.25
N ASP D 204 2.03 -29.65 1.99
CA ASP D 204 1.43 -28.36 1.70
C ASP D 204 1.22 -28.19 0.22
N SER D 205 1.79 -29.11 -0.57
CA SER D 205 1.66 -29.09 -2.03
C SER D 205 0.25 -28.92 -2.49
N GLY D 206 0.08 -28.06 -3.50
CA GLY D 206 -1.26 -27.81 -4.02
C GLY D 206 -1.89 -26.62 -3.38
N GLY D 207 -1.48 -26.30 -2.13
CA GLY D 207 -1.96 -25.10 -1.44
C GLY D 207 -1.55 -23.76 -2.11
N PRO D 208 -2.36 -22.71 -1.92
CA PRO D 208 -2.17 -21.50 -2.69
C PRO D 208 -1.17 -20.55 -2.07
N PHE D 209 -0.35 -19.94 -2.94
CA PHE D 209 0.40 -18.70 -2.64
C PHE D 209 -0.44 -17.54 -3.12
N VAL D 210 -1.01 -16.80 -2.20
CA VAL D 210 -1.90 -15.69 -2.57
C VAL D 210 -1.33 -14.30 -2.21
N MET D 211 -1.81 -13.30 -2.95
CA MET D 211 -1.48 -11.89 -2.71
C MET D 211 -2.74 -11.07 -2.75
N LYS D 212 -2.81 -10.07 -1.87
CA LYS D 212 -3.96 -9.14 -1.85
C LYS D 212 -3.68 -7.93 -2.70
N SER D 213 -4.56 -7.69 -3.65
CA SER D 213 -4.44 -6.54 -4.54
C SER D 213 -4.79 -5.27 -3.78
N PRO D 214 -3.86 -4.34 -3.73
CA PRO D 214 -4.19 -3.04 -3.16
C PRO D 214 -5.06 -2.15 -4.08
N PHE D 215 -5.35 -2.56 -5.29
CA PHE D 215 -6.18 -1.74 -6.13
C PHE D 215 -7.66 -2.08 -6.03
N ASN D 216 -7.98 -3.34 -5.75
CA ASN D 216 -9.39 -3.74 -5.64
C ASN D 216 -9.69 -4.56 -4.40
N ASN D 217 -8.72 -4.71 -3.51
CA ASN D 217 -8.93 -5.44 -2.29
C ASN D 217 -9.19 -6.98 -2.40
N ARG D 218 -8.95 -7.57 -3.55
CA ARG D 218 -9.21 -8.98 -3.71
C ARG D 218 -7.93 -9.79 -3.60
N TRP D 219 -8.10 -11.01 -3.08
CA TRP D 219 -7.04 -12.00 -3.04
C TRP D 219 -6.93 -12.77 -4.36
N TYR D 220 -5.70 -12.90 -4.83
CA TYR D 220 -5.43 -13.52 -6.09
C TYR D 220 -4.44 -14.63 -5.81
N GLN D 221 -4.63 -15.77 -6.47
CA GLN D 221 -3.68 -16.85 -6.33
C GLN D 221 -2.55 -16.69 -7.36
N MET D 222 -1.37 -16.38 -6.91
CA MET D 222 -0.28 -16.22 -7.84
C MET D 222 0.42 -17.53 -7.99
N GLY D 223 0.35 -18.37 -6.97
CA GLY D 223 1.16 -19.61 -7.02
C GLY D 223 0.52 -20.84 -6.37
N ILE D 224 1.14 -21.99 -6.63
CA ILE D 224 0.74 -23.26 -6.05
C ILE D 224 2.01 -23.89 -5.48
N VAL D 225 1.96 -24.30 -4.21
CA VAL D 225 3.09 -24.97 -3.57
C VAL D 225 3.47 -26.20 -4.39
N SER D 226 4.70 -26.23 -4.91
CA SER D 226 5.15 -27.28 -5.82
C SER D 226 6.28 -28.15 -5.30
N TRP D 227 7.39 -27.52 -4.96
CA TRP D 227 8.53 -28.24 -4.45
C TRP D 227 9.51 -27.38 -3.64
N GLY D 228 10.47 -28.08 -3.07
CA GLY D 228 11.50 -27.47 -2.26
C GLY D 228 12.57 -28.51 -1.99
N GLU D 229 13.63 -28.09 -1.31
CA GLU D 229 14.64 -29.02 -0.82
C GLU D 229 14.75 -28.78 0.68
N GLY D 230 14.42 -29.80 1.47
CA GLY D 230 14.25 -29.60 2.88
C GLY D 230 13.04 -28.70 3.08
N CYS D 231 12.84 -28.22 4.30
CA CYS D 231 11.88 -27.16 4.59
C CYS D 231 12.62 -26.10 5.39
N ASP D 232 12.50 -24.86 4.95
CA ASP D 232 12.94 -23.73 5.70
C ASP D 232 14.40 -23.77 6.05
N ARG D 233 15.21 -24.20 5.10
CA ARG D 233 16.64 -24.11 5.26
C ARG D 233 17.23 -22.76 4.86
N ASP D 234 18.26 -22.34 5.59
CA ASP D 234 18.97 -21.11 5.20
C ASP D 234 19.56 -21.33 3.82
N GLY D 235 19.30 -20.41 2.91
CA GLY D 235 19.90 -20.50 1.59
C GLY D 235 19.10 -21.28 0.55
N LYS D 236 17.97 -21.87 0.96
CA LYS D 236 16.99 -22.43 0.01
C LYS D 236 15.72 -21.66 0.10
N TYR D 237 14.88 -21.86 -0.90
CA TYR D 237 13.61 -21.12 -1.05
C TYR D 237 12.56 -22.07 -1.60
N GLY D 238 11.32 -21.89 -1.17
CA GLY D 238 10.22 -22.71 -1.66
C GLY D 238 9.89 -22.36 -3.09
N PHE D 239 9.58 -23.37 -3.89
CA PHE D 239 9.17 -23.16 -5.26
C PHE D 239 7.70 -23.38 -5.38
N TYR D 240 7.11 -22.67 -6.34
CA TYR D 240 5.67 -22.51 -6.48
C TYR D 240 5.37 -22.52 -7.93
N THR D 241 4.27 -23.15 -8.32
CA THR D 241 3.84 -23.10 -9.71
C THR D 241 3.36 -21.69 -10.04
N HIS D 242 3.81 -21.14 -11.16
CA HIS D 242 3.45 -19.78 -11.58
C HIS D 242 2.05 -19.82 -12.24
N VAL D 243 1.04 -19.43 -11.47
CA VAL D 243 -0.31 -19.57 -11.93
C VAL D 243 -0.58 -18.73 -13.17
N PHE D 244 -0.07 -17.53 -13.20
CA PHE D 244 -0.46 -16.64 -14.27
C PHE D 244 0.04 -17.14 -15.58
N ARG D 245 1.24 -17.69 -15.60
CA ARG D 245 1.81 -18.20 -16.85
C ARG D 245 1.07 -19.43 -17.31
N LEU D 246 0.33 -20.09 -16.43
CA LEU D 246 -0.43 -21.26 -16.84
C LEU D 246 -1.91 -20.96 -16.92
N LYS D 247 -2.25 -19.69 -16.79
CA LYS D 247 -3.63 -19.20 -16.83
C LYS D 247 -4.38 -19.66 -18.09
N LYS D 248 -3.77 -19.51 -19.24
CA LYS D 248 -4.51 -19.85 -20.46
C LYS D 248 -5.05 -21.29 -20.46
N TRP D 249 -4.24 -22.23 -20.04
CA TRP D 249 -4.65 -23.61 -19.91
C TRP D 249 -5.75 -23.72 -18.88
N ILE D 250 -5.57 -23.06 -17.74
CA ILE D 250 -6.56 -23.13 -16.71
C ILE D 250 -7.90 -22.77 -17.32
N GLN D 251 -7.96 -21.61 -17.98
CA GLN D 251 -9.20 -21.11 -18.54
C GLN D 251 -9.74 -22.02 -19.63
N LYS D 252 -8.86 -22.49 -20.48
CA LYS D 252 -9.25 -23.36 -21.57
C LYS D 252 -10.02 -24.59 -21.04
N VAL D 253 -9.58 -25.15 -19.93
CA VAL D 253 -10.24 -26.32 -19.34
C VAL D 253 -11.54 -25.99 -18.63
N ILE D 254 -11.47 -24.97 -17.82
CA ILE D 254 -12.58 -24.53 -17.01
C ILE D 254 -13.78 -24.09 -17.86
N ASP D 255 -13.52 -23.40 -18.96
CA ASP D 255 -14.60 -22.80 -19.76
C ASP D 255 -14.95 -23.68 -20.99
N GLN D 256 -14.35 -24.85 -21.07
CA GLN D 256 -14.47 -25.72 -22.27
C GLN D 256 -15.90 -26.22 -22.47
N PHE D 257 -16.57 -26.62 -21.40
CA PHE D 257 -17.94 -27.10 -21.45
C PHE D 257 -18.88 -26.17 -20.71
N GLY D 258 -20.17 -26.18 -21.01
CA GLY D 258 -21.13 -25.23 -20.44
C GLY D 258 -21.86 -25.71 -19.24
O5' 3DR E 3 -15.95 40.64 16.82
P 3DR E 3 -16.78 41.60 17.78
OP1 3DR E 3 -16.25 41.40 19.15
OP2 3DR E 3 -16.80 42.95 17.14
C2' 3DR E 3 -14.37 37.92 14.38
C5' 3DR E 3 -14.57 40.93 16.54
C4' 3DR E 3 -13.95 39.83 15.72
O4' 3DR E 3 -13.75 38.67 16.55
C1' 3DR E 3 -13.93 37.48 15.78
C3' 3DR E 3 -14.85 39.35 14.59
O3' 3DR E 3 -14.72 40.20 13.45
O5' 3DR F 3 -20.29 -40.13 12.34
P 3DR F 3 -21.46 -41.02 12.95
OP1 3DR F 3 -22.64 -40.85 12.05
OP2 3DR F 3 -20.90 -42.36 13.24
C2' 3DR F 3 -17.52 -37.49 11.27
C5' 3DR F 3 -19.67 -40.51 11.09
C4' 3DR F 3 -18.69 -39.46 10.64
O4' 3DR F 3 -19.45 -38.32 10.16
C1' 3DR F 3 -18.75 -37.11 10.45
C3' 3DR F 3 -17.84 -38.88 11.76
O3' 3DR F 3 -16.69 -39.71 11.97
C1 NAG G . 13.42 43.70 6.20
C2 NAG G . 14.88 43.92 5.79
C3 NAG G . 15.84 44.16 6.98
C4 NAG G . 15.34 45.33 7.85
C5 NAG G . 13.92 44.95 8.23
C6 NAG G . 13.30 46.00 9.15
C7 NAG G . 15.35 43.17 3.52
C8 NAG G . 16.08 42.23 2.57
N2 NAG G . 15.51 42.99 4.85
O3 NAG G . 17.12 44.47 6.46
O4 NAG G . 16.23 45.66 8.94
O5 NAG G . 13.12 44.80 7.05
O6 NAG G . 12.20 45.48 9.88
O7 NAG G . 14.62 44.04 3.04
N 0G6 H . 5.03 32.64 -10.92
CA 0G6 H . 6.28 32.96 -10.22
C 0G6 H . 6.03 32.52 -8.81
O 0G6 H . 5.65 31.37 -8.63
CB 0G6 H . 7.50 32.26 -10.88
CG 0G6 H . 8.80 32.60 -10.15
CD1 0G6 H . 9.31 33.89 -10.15
CD2 0G6 H . 9.50 31.61 -9.47
CE1 0G6 H . 10.48 34.21 -9.45
CE2 0G6 H . 10.66 31.89 -8.78
CZ 0G6 H . 11.14 33.21 -8.78
N1 0G6 H . 6.22 33.40 -7.81
CA1 0G6 H . 6.04 32.99 -6.44
C1 0G6 H . 4.59 32.74 -6.17
O1 0G6 H . 3.74 33.43 -6.71
CB1 0G6 H . 6.49 34.18 -5.57
CG1 0G6 H . 7.17 35.16 -6.49
CD 0G6 H . 6.62 34.82 -7.87
N2 0G6 H . 4.32 31.79 -5.30
CA2 0G6 H . 3.00 31.45 -4.87
C2 0G6 H . 2.92 31.69 -3.34
O2 0G6 H . 1.55 31.90 -3.05
CB2 0G6 H . 2.79 30.03 -5.30
CG2 0G6 H . 2.32 29.82 -6.73
CD3 0G6 H . 2.42 28.31 -7.02
NE 0G6 H . 2.09 28.06 -8.43
CZ1 0G6 H . 1.67 26.89 -8.98
NH1 0G6 H . 1.38 26.81 -10.27
NH2 0G6 H . 1.61 25.75 -8.31
C3 0G6 H . 3.74 32.88 -2.78
NA NA I . 0.19 21.08 -15.32
C1 NAG J . -2.09 -43.44 -14.81
C2 NAG J . -1.42 -43.58 -16.18
C3 NAG J . -2.38 -43.84 -17.38
C4 NAG J . -3.31 -45.03 -17.15
C5 NAG J . -3.94 -44.86 -15.77
C6 NAG J . -4.51 -46.22 -15.39
C7 NAG J . 0.83 -42.60 -16.29
C8 NAG J . 1.73 -41.48 -16.74
N2 NAG J . -0.48 -42.50 -16.53
O3 NAG J . -1.67 -44.07 -18.60
O4 NAG J . -4.32 -45.19 -18.18
O5 NAG J . -3.03 -44.51 -14.72
O6 NAG J . -5.61 -45.94 -14.57
O7 NAG J . 1.35 -43.56 -15.69
N 0G6 K . 12.28 -32.50 -2.39
CA 0G6 K . 11.80 -32.73 -3.74
C 0G6 K . 10.34 -32.30 -3.78
O 0G6 K . 10.03 -31.18 -3.42
CB 0G6 K . 12.69 -31.95 -4.72
CG 0G6 K . 12.34 -32.26 -6.15
CD1 0G6 K . 12.47 -33.57 -6.66
CD2 0G6 K . 11.88 -31.25 -6.98
CE1 0G6 K . 12.17 -33.86 -8.01
CE2 0G6 K . 11.55 -31.58 -8.33
CZ 0G6 K . 11.69 -32.86 -8.84
N1 0G6 K . 9.41 -33.12 -4.24
CA1 0G6 K . 8.08 -32.58 -4.49
C1 0G6 K . 7.39 -32.34 -3.20
O1 0G6 K . 7.79 -32.93 -2.24
CB1 0G6 K . 7.34 -33.66 -5.31
CG1 0G6 K . 8.44 -34.65 -5.74
CD 0G6 K . 9.52 -34.51 -4.63
N2 0G6 K . 6.37 -31.49 -3.18
CA2 0G6 K . 5.67 -31.22 -1.95
C2 0G6 K . 4.18 -31.49 -2.15
O2 0G6 K . 3.59 -31.72 -0.85
CB2 0G6 K . 5.97 -29.78 -1.53
CG2 0G6 K . 7.40 -29.58 -0.99
CD3 0G6 K . 7.66 -28.09 -0.62
NE 0G6 K . 8.91 -27.77 0.09
CZ1 0G6 K . 9.31 -26.54 0.48
NH1 0G6 K . 10.44 -26.44 1.16
NH2 0G6 K . 8.63 -25.40 0.26
C3 0G6 K . 3.87 -32.69 -3.05
NA NA L . 15.01 -20.70 3.41
K K M . -24.42 31.99 13.61
K K N . -19.74 -30.80 20.52
#